data_8Y9P
#
_entry.id   8Y9P
#
_cell.length_a   86.760
_cell.length_b   86.760
_cell.length_c   63.740
_cell.angle_alpha   90.00
_cell.angle_beta   90.00
_cell.angle_gamma   120.00
#
_symmetry.space_group_name_H-M   'P 65'
#
loop_
_entity.id
_entity.type
_entity.pdbx_description
1 polymer SgdX2
2 non-polymer GLYCEROL
3 non-polymer "ADENOSINE-3'-5'-DIPHOSPHATE"
4 water water
#
_entity_poly.entity_id   1
_entity_poly.type   'polypeptide(L)'
_entity_poly.pdbx_seq_one_letter_code
;ATSMEVIGVGFGRTGTASLRDALNILGMGPTYHTKEILRDPARLADWQAAVGGADVDWDQVFAGYRSTVDWPAAAFWREL
VERYPEAKVILTVRDPVQWHRSCMRTIFMAYRQDLFSRLLVPAMQLPLRALDRRFGAFNEIFDGVFRRHFGDGPIQDEKY
AVEVFEKHVRDVQECVPAERLLVYRVSEGWPTLCKFLGVGVPIVAFPHDNDQDAFQRDSRLFVTRGLARMVTGPVRRAVG
RFRRTQDAPEAAGQNR
;
_entity_poly.pdbx_strand_id   A
#
loop_
_chem_comp.id
_chem_comp.type
_chem_comp.name
_chem_comp.formula
A3P RNA linking ADENOSINE-3'-5'-DIPHOSPHATE 'C10 H15 N5 O10 P2'
GOL non-polymer GLYCEROL 'C3 H8 O3'
#
# COMPACT_ATOMS: atom_id res chain seq x y z
N THR A 2 1.46 -15.59 12.83
CA THR A 2 1.10 -15.47 11.42
C THR A 2 2.22 -14.91 10.55
N SER A 3 3.24 -14.36 11.22
CA SER A 3 4.35 -13.63 10.59
C SER A 3 3.90 -12.24 10.17
N MET A 4 2.77 -12.12 9.46
CA MET A 4 2.22 -10.83 9.05
C MET A 4 1.01 -10.48 9.88
N GLU A 5 1.04 -9.31 10.51
CA GLU A 5 -0.10 -8.87 11.30
C GLU A 5 -1.14 -8.15 10.44
N VAL A 6 -0.72 -7.19 9.62
CA VAL A 6 -1.65 -6.35 8.87
C VAL A 6 -1.12 -6.22 7.46
N ILE A 7 -2.00 -6.41 6.46
CA ILE A 7 -1.66 -6.16 5.06
C ILE A 7 -2.51 -4.98 4.59
N GLY A 8 -1.85 -3.86 4.28
CA GLY A 8 -2.57 -2.73 3.68
C GLY A 8 -2.64 -3.00 2.18
N VAL A 9 -3.84 -2.85 1.61
CA VAL A 9 -4.05 -3.13 0.20
C VAL A 9 -4.61 -1.93 -0.54
N GLY A 10 -4.68 -0.78 0.12
CA GLY A 10 -5.00 0.46 -0.58
C GLY A 10 -3.85 0.92 -1.46
N PHE A 11 -4.19 1.71 -2.47
CA PHE A 11 -3.20 2.27 -3.37
C PHE A 11 -2.38 3.36 -2.65
N GLY A 12 -1.25 3.72 -3.26
CA GLY A 12 -0.55 4.92 -2.81
C GLY A 12 -1.40 6.17 -2.94
N ARG A 13 -1.08 7.17 -2.10
CA ARG A 13 -1.85 8.45 -2.01
C ARG A 13 -3.24 8.22 -1.44
N THR A 14 -3.36 7.28 -0.51
CA THR A 14 -4.59 7.13 0.27
C THR A 14 -4.31 7.21 1.76
N GLY A 15 -3.22 7.85 2.15
CA GLY A 15 -2.85 7.97 3.55
C GLY A 15 -1.96 6.84 4.06
N THR A 16 -1.24 6.17 3.17
CA THR A 16 -0.45 5.00 3.58
C THR A 16 0.74 5.36 4.50
N ALA A 17 1.38 6.53 4.33
CA ALA A 17 2.46 6.88 5.28
C ALA A 17 1.89 7.06 6.68
N SER A 18 0.74 7.71 6.80
CA SER A 18 0.12 7.85 8.12
C SER A 18 -0.30 6.50 8.68
N LEU A 19 -0.85 5.63 7.83
CA LEU A 19 -1.25 4.31 8.32
C LEU A 19 -0.02 3.51 8.77
N ARG A 20 1.09 3.63 8.04
CA ARG A 20 2.35 3.01 8.46
C ARG A 20 2.74 3.50 9.86
N ASP A 21 2.72 4.81 10.06
CA ASP A 21 3.10 5.36 11.37
C ASP A 21 2.14 4.90 12.44
N ALA A 22 0.84 4.81 12.09
CA ALA A 22 -0.15 4.41 13.10
C ALA A 22 0.04 2.95 13.48
N LEU A 23 0.25 2.07 12.49
CA LEU A 23 0.50 0.67 12.79
C LEU A 23 1.75 0.52 13.63
N ASN A 24 2.79 1.30 13.32
CA ASN A 24 4.01 1.25 14.13
C ASN A 24 3.73 1.64 15.58
N ILE A 25 2.96 2.72 15.80
CA ILE A 25 2.63 3.16 17.15
C ILE A 25 1.87 2.07 17.89
N LEU A 26 0.98 1.38 17.18
CA LEU A 26 0.16 0.32 17.77
C LEU A 26 0.93 -0.99 17.96
N GLY A 27 2.23 -1.04 17.66
CA GLY A 27 2.98 -2.25 17.90
C GLY A 27 2.79 -3.34 16.88
N MET A 28 2.27 -2.98 15.72
CA MET A 28 1.99 -3.91 14.63
C MET A 28 3.11 -3.91 13.60
N GLY A 29 4.14 -3.12 13.82
CA GLY A 29 5.25 -3.01 12.93
C GLY A 29 6.40 -3.93 13.31
N PRO A 30 7.57 -3.70 12.73
CA PRO A 30 7.86 -2.65 11.71
C PRO A 30 7.03 -2.81 10.48
N THR A 31 6.63 -1.69 9.86
CA THR A 31 5.69 -1.70 8.74
C THR A 31 6.42 -1.39 7.45
N TYR A 32 6.27 -2.29 6.45
CA TYR A 32 6.88 -2.07 5.14
C TYR A 32 6.11 -0.98 4.42
N HIS A 33 6.81 -0.26 3.53
CA HIS A 33 6.22 0.88 2.83
C HIS A 33 7.22 1.23 1.73
N THR A 34 6.80 2.04 0.73
CA THR A 34 7.82 2.48 -0.23
C THR A 34 9.01 3.16 0.46
N LYS A 35 8.76 3.86 1.58
CA LYS A 35 9.86 4.46 2.33
C LYS A 35 11.00 3.47 2.60
N GLU A 36 10.67 2.18 2.83
CA GLU A 36 11.74 1.23 3.14
C GLU A 36 12.64 1.00 1.95
N ILE A 37 12.08 1.10 0.74
CA ILE A 37 12.87 0.96 -0.48
C ILE A 37 13.69 2.22 -0.71
N LEU A 38 13.15 3.40 -0.36
CA LEU A 38 13.93 4.63 -0.46
C LEU A 38 15.08 4.65 0.52
N ARG A 39 14.92 4.01 1.69
CA ARG A 39 16.03 3.89 2.64
C ARG A 39 17.04 2.83 2.20
N ASP A 40 16.62 1.78 1.50
CA ASP A 40 17.49 0.68 1.10
C ASP A 40 17.14 0.26 -0.31
N PRO A 41 17.73 0.90 -1.32
CA PRO A 41 17.30 0.65 -2.71
C PRO A 41 17.66 -0.75 -3.21
N ALA A 42 18.54 -1.49 -2.54
CA ALA A 42 18.75 -2.89 -2.89
C ALA A 42 17.45 -3.69 -2.78
N ARG A 43 16.47 -3.22 -1.99
CA ARG A 43 15.21 -3.98 -1.90
C ARG A 43 14.43 -4.00 -3.23
N LEU A 44 14.81 -3.14 -4.16
CA LEU A 44 14.13 -3.12 -5.45
C LEU A 44 14.19 -4.50 -6.11
N ALA A 45 15.23 -5.28 -5.84
CA ALA A 45 15.41 -6.59 -6.49
C ALA A 45 14.25 -7.54 -6.20
N ASP A 46 13.73 -7.49 -4.96
CA ASP A 46 12.61 -8.36 -4.61
C ASP A 46 11.40 -8.07 -5.51
N TRP A 47 11.08 -6.80 -5.69
CA TRP A 47 9.89 -6.40 -6.45
C TRP A 47 10.11 -6.58 -7.94
N GLN A 48 11.33 -6.40 -8.38
CA GLN A 48 11.63 -6.68 -9.78
C GLN A 48 11.43 -8.15 -10.10
N ALA A 49 11.90 -9.03 -9.22
CA ALA A 49 11.65 -10.45 -9.37
C ALA A 49 10.14 -10.74 -9.36
N ALA A 50 9.42 -10.15 -8.40
CA ALA A 50 7.99 -10.47 -8.27
C ALA A 50 7.22 -10.05 -9.52
N VAL A 51 7.54 -8.86 -10.02
CA VAL A 51 6.84 -8.35 -11.22
C VAL A 51 7.15 -9.25 -12.40
N GLY A 52 8.38 -9.78 -12.46
CA GLY A 52 8.80 -10.66 -13.54
C GLY A 52 8.31 -12.08 -13.45
N GLY A 53 7.47 -12.45 -12.49
CA GLY A 53 6.92 -13.78 -12.46
C GLY A 53 7.64 -14.77 -11.57
N ALA A 54 8.63 -14.34 -10.79
CA ALA A 54 9.31 -15.28 -9.93
C ALA A 54 8.37 -15.79 -8.84
N ASP A 55 8.61 -17.01 -8.39
CA ASP A 55 7.93 -17.57 -7.23
C ASP A 55 8.56 -16.94 -5.99
N VAL A 56 8.04 -15.78 -5.62
CA VAL A 56 8.55 -14.96 -4.51
C VAL A 56 8.49 -15.72 -3.18
N ASP A 57 9.56 -15.67 -2.39
CA ASP A 57 9.45 -16.10 -0.99
C ASP A 57 9.08 -14.89 -0.16
N TRP A 58 7.79 -14.73 0.17
CA TRP A 58 7.35 -13.51 0.84
C TRP A 58 7.93 -13.38 2.23
N ASP A 59 8.23 -14.50 2.88
CA ASP A 59 8.87 -14.39 4.19
C ASP A 59 10.26 -13.74 4.09
N GLN A 60 10.96 -13.95 2.98
CA GLN A 60 12.23 -13.26 2.76
C GLN A 60 12.01 -11.81 2.34
N VAL A 61 11.04 -11.53 1.47
CA VAL A 61 10.78 -10.14 1.08
C VAL A 61 10.50 -9.28 2.30
N PHE A 62 9.68 -9.80 3.21
CA PHE A 62 9.26 -9.04 4.39
C PHE A 62 10.06 -9.39 5.65
N ALA A 63 11.20 -10.03 5.52
CA ALA A 63 11.99 -10.34 6.71
C ALA A 63 12.28 -9.07 7.50
N GLY A 64 12.03 -9.10 8.81
CA GLY A 64 12.19 -7.92 9.65
C GLY A 64 10.94 -7.08 9.80
N TYR A 65 9.88 -7.37 9.06
CA TYR A 65 8.66 -6.55 9.08
C TYR A 65 7.47 -7.42 9.46
N ARG A 66 6.52 -6.80 10.18
CA ARG A 66 5.32 -7.49 10.61
C ARG A 66 4.04 -6.97 9.98
N SER A 67 4.08 -5.85 9.26
CA SER A 67 2.96 -5.34 8.51
C SER A 67 3.49 -4.74 7.23
N THR A 68 2.57 -4.46 6.31
CA THR A 68 2.96 -3.75 5.07
C THR A 68 1.82 -2.85 4.66
N VAL A 69 2.15 -1.69 4.13
CA VAL A 69 1.16 -0.84 3.46
C VAL A 69 1.79 -0.30 2.18
N ASP A 70 0.93 0.28 1.33
CA ASP A 70 1.35 1.00 0.13
C ASP A 70 1.68 0.06 -1.02
N TRP A 71 1.85 0.62 -2.20
CA TRP A 71 2.65 -0.05 -3.19
C TRP A 71 4.09 -0.15 -2.66
N PRO A 72 4.86 -1.15 -3.12
CA PRO A 72 4.53 -2.08 -4.18
C PRO A 72 3.71 -3.22 -3.67
N ALA A 73 3.66 -3.49 -2.37
CA ALA A 73 3.00 -4.73 -1.96
C ALA A 73 1.52 -4.77 -2.29
N ALA A 74 0.86 -3.60 -2.37
CA ALA A 74 -0.55 -3.60 -2.74
C ALA A 74 -0.80 -4.15 -4.15
N ALA A 75 0.19 -4.14 -5.04
CA ALA A 75 -0.01 -4.73 -6.35
C ALA A 75 0.03 -6.25 -6.31
N PHE A 76 0.39 -6.81 -5.15
CA PHE A 76 0.39 -8.26 -4.96
C PHE A 76 -0.62 -8.63 -3.87
N TRP A 77 -1.66 -7.82 -3.74
CA TRP A 77 -2.59 -8.02 -2.61
C TRP A 77 -3.23 -9.40 -2.62
N ARG A 78 -3.65 -9.92 -3.78
CA ARG A 78 -4.30 -11.24 -3.76
C ARG A 78 -3.33 -12.31 -3.29
N GLU A 79 -2.07 -12.22 -3.78
CA GLU A 79 -1.06 -13.18 -3.38
C GLU A 79 -0.84 -13.11 -1.89
N LEU A 80 -0.79 -11.88 -1.33
CA LEU A 80 -0.42 -11.75 0.06
C LEU A 80 -1.58 -12.13 0.97
N VAL A 81 -2.83 -11.81 0.57
CA VAL A 81 -3.97 -12.26 1.37
C VAL A 81 -4.04 -13.77 1.39
N GLU A 82 -3.71 -14.43 0.27
CA GLU A 82 -3.70 -15.88 0.27
C GLU A 82 -2.54 -16.44 1.09
N ARG A 83 -1.37 -15.79 1.03
CA ARG A 83 -0.18 -16.31 1.71
C ARG A 83 -0.28 -16.17 3.24
N TYR A 84 -0.92 -15.10 3.71
CA TYR A 84 -1.05 -14.77 5.13
C TYR A 84 -2.53 -14.70 5.49
N PRO A 85 -3.21 -15.85 5.54
CA PRO A 85 -4.67 -15.83 5.76
C PRO A 85 -5.10 -15.36 7.13
N GLU A 86 -4.20 -15.31 8.11
CA GLU A 86 -4.57 -14.79 9.41
C GLU A 86 -4.28 -13.29 9.54
N ALA A 87 -3.65 -12.67 8.56
CA ALA A 87 -3.41 -11.24 8.68
C ALA A 87 -4.71 -10.45 8.51
N LYS A 88 -4.80 -9.34 9.24
CA LYS A 88 -5.92 -8.42 9.01
C LYS A 88 -5.62 -7.59 7.78
N VAL A 89 -6.65 -7.23 7.04
CA VAL A 89 -6.47 -6.51 5.77
C VAL A 89 -7.08 -5.13 5.92
N ILE A 90 -6.33 -4.07 5.55
CA ILE A 90 -6.91 -2.73 5.60
C ILE A 90 -6.88 -2.14 4.20
N LEU A 91 -8.06 -1.83 3.69
CA LEU A 91 -8.17 -1.13 2.41
C LEU A 91 -8.39 0.36 2.69
N THR A 92 -7.36 1.18 2.46
CA THR A 92 -7.59 2.62 2.57
C THR A 92 -8.22 3.14 1.28
N VAL A 93 -9.21 4.02 1.46
CA VAL A 93 -9.93 4.57 0.33
C VAL A 93 -9.94 6.08 0.44
N ARG A 94 -10.39 6.70 -0.64
CA ARG A 94 -10.39 8.16 -0.81
C ARG A 94 -11.33 8.47 -1.97
N ASP A 95 -11.81 9.72 -2.05
CA ASP A 95 -12.45 10.16 -3.29
C ASP A 95 -11.51 9.82 -4.45
N PRO A 96 -11.94 8.99 -5.41
CA PRO A 96 -10.97 8.55 -6.45
C PRO A 96 -10.51 9.69 -7.34
N VAL A 97 -11.32 10.74 -7.54
CA VAL A 97 -10.87 11.88 -8.33
C VAL A 97 -9.79 12.64 -7.57
N GLN A 98 -9.99 12.87 -6.27
CA GLN A 98 -8.93 13.48 -5.45
C GLN A 98 -7.67 12.64 -5.46
N TRP A 99 -7.84 11.33 -5.34
CA TRP A 99 -6.70 10.41 -5.39
C TRP A 99 -5.90 10.61 -6.67
N HIS A 100 -6.59 10.58 -7.82
CA HIS A 100 -5.82 10.62 -9.06
C HIS A 100 -5.13 11.97 -9.23
N ARG A 101 -5.80 13.04 -8.82
CA ARG A 101 -5.18 14.35 -8.93
C ARG A 101 -3.96 14.45 -8.03
N SER A 102 -4.00 13.81 -6.86
CA SER A 102 -2.81 13.78 -6.01
C SER A 102 -1.71 12.96 -6.66
N CYS A 103 -2.06 11.81 -7.21
CA CYS A 103 -1.06 10.98 -7.89
C CYS A 103 -0.37 11.73 -9.02
N MET A 104 -1.13 12.49 -9.81
CA MET A 104 -0.51 13.16 -10.95
C MET A 104 0.49 14.21 -10.51
N ARG A 105 0.41 14.68 -9.28
CA ARG A 105 1.37 15.65 -8.78
C ARG A 105 2.53 14.99 -8.06
N THR A 106 2.46 13.67 -7.86
CA THR A 106 3.45 12.94 -7.07
C THR A 106 3.87 11.65 -7.77
N ILE A 107 3.28 10.51 -7.40
CA ILE A 107 3.82 9.21 -7.83
C ILE A 107 3.60 8.89 -9.31
N PHE A 108 2.63 9.54 -9.98
CA PHE A 108 2.41 9.34 -11.41
C PHE A 108 2.94 10.49 -12.24
N MET A 109 3.79 11.32 -11.65
CA MET A 109 4.27 12.49 -12.37
C MET A 109 4.92 12.11 -13.71
N ALA A 110 5.56 10.95 -13.77
CA ALA A 110 6.25 10.52 -14.99
C ALA A 110 5.28 10.32 -16.14
N TYR A 111 4.01 10.11 -15.87
CA TYR A 111 3.05 9.78 -16.91
C TYR A 111 2.35 11.02 -17.47
N ARG A 112 2.71 12.21 -16.98
CA ARG A 112 2.27 13.51 -17.50
C ARG A 112 0.78 13.57 -17.89
N ASP A 132 18.84 10.57 -6.33
CA ASP A 132 20.21 10.26 -6.70
C ASP A 132 20.28 9.02 -7.60
N ARG A 133 21.48 8.68 -8.08
CA ARG A 133 21.58 7.61 -9.08
C ARG A 133 21.25 6.23 -8.50
N ARG A 134 21.11 6.10 -7.17
CA ARG A 134 20.74 4.81 -6.61
C ARG A 134 19.34 4.40 -6.99
N PHE A 135 18.54 5.31 -7.59
CA PHE A 135 17.18 4.99 -7.98
C PHE A 135 17.01 4.89 -9.50
N GLY A 136 18.09 4.59 -10.23
CA GLY A 136 17.97 4.46 -11.69
C GLY A 136 16.92 3.47 -12.16
N ALA A 137 16.77 2.35 -11.46
CA ALA A 137 15.83 1.30 -11.87
C ALA A 137 14.44 1.48 -11.31
N PHE A 138 14.24 2.51 -10.49
CA PHE A 138 13.00 2.62 -9.72
C PHE A 138 11.79 2.77 -10.63
N ASN A 139 11.85 3.68 -11.60
CA ASN A 139 10.65 4.01 -12.37
C ASN A 139 10.19 2.83 -13.21
N GLU A 140 11.13 2.07 -13.78
CA GLU A 140 10.75 0.93 -14.60
C GLU A 140 10.12 -0.16 -13.75
N ILE A 141 10.70 -0.44 -12.59
CA ILE A 141 10.12 -1.44 -11.70
C ILE A 141 8.74 -1.01 -11.23
N PHE A 142 8.59 0.24 -10.80
CA PHE A 142 7.26 0.66 -10.34
C PHE A 142 6.26 0.79 -11.49
N ASP A 143 6.71 1.05 -12.71
CA ASP A 143 5.79 0.92 -13.85
C ASP A 143 5.18 -0.48 -13.90
N GLY A 144 6.00 -1.51 -13.69
CA GLY A 144 5.48 -2.86 -13.66
C GLY A 144 4.52 -3.06 -12.51
N VAL A 145 4.82 -2.46 -11.36
CA VAL A 145 3.95 -2.55 -10.19
C VAL A 145 2.59 -1.91 -10.51
N PHE A 146 2.60 -0.68 -11.00
CA PHE A 146 1.33 0.01 -11.26
C PHE A 146 0.53 -0.72 -12.33
N ARG A 147 1.21 -1.25 -13.35
CA ARG A 147 0.45 -1.82 -14.45
C ARG A 147 -0.15 -3.19 -14.12
N ARG A 148 0.19 -3.78 -12.94
CA ARG A 148 -0.60 -4.91 -12.48
C ARG A 148 -2.05 -4.52 -12.23
N HIS A 149 -2.33 -3.23 -12.03
CA HIS A 149 -3.70 -2.71 -11.93
C HIS A 149 -4.19 -2.03 -13.21
N PHE A 150 -3.35 -1.20 -13.83
CA PHE A 150 -3.72 -0.40 -14.99
C PHE A 150 -3.57 -1.11 -16.32
N GLY A 151 -2.82 -2.22 -16.36
CA GLY A 151 -2.58 -2.82 -17.65
C GLY A 151 -1.76 -1.89 -18.53
N ASP A 152 -1.98 -1.96 -19.84
CA ASP A 152 -1.36 -1.03 -20.79
C ASP A 152 -2.17 0.24 -21.00
N GLY A 153 -3.18 0.47 -20.18
CA GLY A 153 -4.03 1.63 -20.33
C GLY A 153 -3.38 2.89 -19.79
N PRO A 154 -4.07 4.01 -19.97
CA PRO A 154 -3.47 5.32 -19.68
C PRO A 154 -3.55 5.72 -18.22
N ILE A 155 -2.42 5.61 -17.53
CA ILE A 155 -2.37 5.91 -16.11
C ILE A 155 -2.73 7.35 -15.85
N GLN A 156 -2.36 8.25 -16.76
CA GLN A 156 -2.59 9.68 -16.63
C GLN A 156 -4.03 10.08 -16.89
N ASP A 157 -4.87 9.18 -17.40
CA ASP A 157 -6.23 9.55 -17.78
C ASP A 157 -7.15 9.45 -16.57
N GLU A 158 -7.77 10.56 -16.17
CA GLU A 158 -8.51 10.54 -14.90
C GLU A 158 -9.69 9.58 -14.95
N LYS A 159 -10.47 9.58 -16.04
CA LYS A 159 -11.62 8.68 -16.12
C LYS A 159 -11.18 7.22 -16.03
N TYR A 160 -10.17 6.83 -16.79
CA TYR A 160 -9.67 5.46 -16.70
C TYR A 160 -9.15 5.12 -15.32
N ALA A 161 -8.37 6.01 -14.71
CA ALA A 161 -7.74 5.66 -13.44
C ALA A 161 -8.80 5.53 -12.33
N VAL A 162 -9.83 6.39 -12.38
CA VAL A 162 -10.93 6.26 -11.42
C VAL A 162 -11.60 4.89 -11.55
N GLU A 163 -11.81 4.42 -12.79
CA GLU A 163 -12.40 3.10 -13.00
C GLU A 163 -11.52 2.02 -12.39
N VAL A 164 -10.20 2.11 -12.58
CA VAL A 164 -9.29 1.13 -11.99
C VAL A 164 -9.37 1.18 -10.47
N PHE A 165 -9.42 2.39 -9.90
CA PHE A 165 -9.45 2.52 -8.44
C PHE A 165 -10.72 1.90 -7.89
N GLU A 166 -11.87 2.16 -8.55
CA GLU A 166 -13.14 1.67 -8.05
C GLU A 166 -13.24 0.15 -8.22
N LYS A 167 -12.69 -0.38 -9.32
CA LYS A 167 -12.64 -1.83 -9.50
C LYS A 167 -11.84 -2.50 -8.40
N HIS A 168 -10.73 -1.89 -8.01
CA HIS A 168 -9.90 -2.50 -6.99
C HIS A 168 -10.66 -2.55 -5.65
N VAL A 169 -11.36 -1.48 -5.31
CA VAL A 169 -12.15 -1.48 -4.08
C VAL A 169 -13.17 -2.61 -4.10
N ARG A 170 -13.89 -2.76 -5.22
CA ARG A 170 -14.87 -3.84 -5.34
C ARG A 170 -14.17 -5.20 -5.23
N ASP A 171 -13.05 -5.35 -5.91
CA ASP A 171 -12.36 -6.64 -5.91
C ASP A 171 -11.97 -7.05 -4.50
N VAL A 172 -11.39 -6.10 -3.74
CA VAL A 172 -10.98 -6.42 -2.38
C VAL A 172 -12.19 -6.78 -1.53
N GLN A 173 -13.28 -6.00 -1.63
CA GLN A 173 -14.44 -6.30 -0.82
C GLN A 173 -15.05 -7.64 -1.18
N GLU A 174 -14.92 -8.08 -2.44
CA GLU A 174 -15.49 -9.35 -2.87
C GLU A 174 -14.60 -10.55 -2.51
N CYS A 175 -13.30 -10.32 -2.30
CA CYS A 175 -12.31 -11.38 -2.05
C CYS A 175 -12.10 -11.63 -0.56
N VAL A 176 -11.94 -10.58 0.24
CA VAL A 176 -11.59 -10.72 1.66
C VAL A 176 -12.84 -10.79 2.53
N PRO A 177 -13.01 -11.82 3.37
CA PRO A 177 -14.16 -11.85 4.28
C PRO A 177 -14.27 -10.57 5.11
N ALA A 178 -15.51 -10.14 5.33
CA ALA A 178 -15.75 -8.86 6.00
C ALA A 178 -15.13 -8.82 7.39
N GLU A 179 -15.09 -9.94 8.10
CA GLU A 179 -14.54 -9.87 9.46
C GLU A 179 -13.03 -9.68 9.47
N ARG A 180 -12.37 -9.87 8.35
CA ARG A 180 -10.93 -9.72 8.25
C ARG A 180 -10.54 -8.44 7.53
N LEU A 181 -11.52 -7.66 7.10
CA LEU A 181 -11.28 -6.48 6.26
C LEU A 181 -11.78 -5.22 6.95
N LEU A 182 -10.98 -4.16 6.86
CA LEU A 182 -11.40 -2.82 7.27
C LEU A 182 -11.29 -1.90 6.07
N VAL A 183 -12.43 -1.32 5.65
CA VAL A 183 -12.43 -0.27 4.65
C VAL A 183 -12.29 1.03 5.43
N TYR A 184 -11.18 1.73 5.21
CA TYR A 184 -10.73 2.74 6.15
C TYR A 184 -10.37 4.02 5.42
N ARG A 185 -10.71 5.17 5.99
CA ARG A 185 -10.16 6.44 5.54
C ARG A 185 -9.30 6.96 6.69
N VAL A 186 -8.11 7.45 6.37
CA VAL A 186 -7.24 7.90 7.46
C VAL A 186 -7.84 9.09 8.19
N SER A 187 -8.72 9.86 7.56
CA SER A 187 -9.34 10.94 8.33
C SER A 187 -10.20 10.42 9.49
N GLU A 188 -10.48 9.12 9.56
CA GLU A 188 -11.19 8.54 10.71
C GLU A 188 -10.32 8.51 11.96
N GLY A 189 -9.00 8.47 11.79
CA GLY A 189 -8.10 8.46 12.93
C GLY A 189 -8.20 7.16 13.72
N TRP A 190 -7.93 7.26 15.04
CA TRP A 190 -7.72 6.06 15.84
C TRP A 190 -8.94 5.17 16.06
N PRO A 191 -10.14 5.70 16.34
CA PRO A 191 -11.17 4.82 16.93
C PRO A 191 -11.52 3.61 16.06
N THR A 192 -11.81 3.79 14.76
CA THR A 192 -12.21 2.64 13.96
C THR A 192 -11.04 1.70 13.71
N LEU A 193 -9.84 2.26 13.51
CA LEU A 193 -8.65 1.44 13.31
C LEU A 193 -8.39 0.55 14.53
N CYS A 194 -8.40 1.16 15.73
CA CYS A 194 -8.08 0.43 16.94
C CYS A 194 -9.15 -0.61 17.28
N LYS A 195 -10.42 -0.28 17.05
CA LYS A 195 -11.47 -1.27 17.28
C LYS A 195 -11.25 -2.48 16.38
N PHE A 196 -10.93 -2.23 15.10
CA PHE A 196 -10.69 -3.33 14.18
C PHE A 196 -9.54 -4.20 14.61
N LEU A 197 -8.46 -3.59 15.10
CA LEU A 197 -7.29 -4.36 15.46
C LEU A 197 -7.36 -4.90 16.89
N GLY A 198 -8.40 -4.52 17.64
CA GLY A 198 -8.54 -5.00 19.00
C GLY A 198 -7.53 -4.43 19.99
N VAL A 199 -7.16 -3.15 19.85
CA VAL A 199 -6.20 -2.54 20.76
C VAL A 199 -6.79 -1.23 21.27
N GLY A 200 -6.20 -0.72 22.34
CA GLY A 200 -6.64 0.54 22.90
C GLY A 200 -6.27 1.72 22.03
N VAL A 201 -6.95 2.84 22.26
CA VAL A 201 -6.70 4.10 21.57
C VAL A 201 -5.54 4.85 22.21
N PRO A 202 -4.49 5.15 21.44
CA PRO A 202 -3.35 5.90 21.97
C PRO A 202 -3.73 7.32 22.36
N ILE A 203 -2.96 7.86 23.30
CA ILE A 203 -3.07 9.27 23.68
C ILE A 203 -2.49 10.18 22.60
N VAL A 204 -1.48 9.71 21.86
CA VAL A 204 -0.75 10.58 20.94
C VAL A 204 -1.63 10.90 19.73
N ALA A 205 -1.35 12.02 19.10
CA ALA A 205 -2.13 12.43 17.94
C ALA A 205 -2.03 11.39 16.84
N PHE A 206 -3.13 11.19 16.12
CA PHE A 206 -3.07 10.32 14.96
C PHE A 206 -2.15 10.93 13.89
N PRO A 207 -1.34 10.13 13.21
CA PRO A 207 -0.36 10.70 12.26
C PRO A 207 -1.04 11.43 11.12
N HIS A 208 -0.36 12.47 10.65
CA HIS A 208 -0.82 13.19 9.45
C HIS A 208 0.41 13.49 8.61
N ASP A 209 0.95 12.45 7.98
CA ASP A 209 2.12 12.55 7.11
C ASP A 209 1.62 12.95 5.72
N ASN A 210 1.96 14.17 5.28
CA ASN A 210 1.48 14.64 3.97
C ASN A 210 2.18 13.95 2.82
N ASP A 211 3.31 13.28 3.09
CA ASP A 211 4.05 12.46 2.11
C ASP A 211 4.42 13.28 0.88
N GLN A 212 4.92 14.49 1.13
CA GLN A 212 5.20 15.42 0.04
C GLN A 212 6.68 15.66 -0.20
N ASP A 213 7.51 15.51 0.84
CA ASP A 213 8.91 15.86 0.72
C ASP A 213 9.73 14.80 0.00
N ALA A 214 9.17 13.61 -0.23
CA ALA A 214 9.81 12.62 -1.08
C ALA A 214 9.79 13.09 -2.54
N PHE A 215 9.16 14.23 -2.80
CA PHE A 215 9.02 14.78 -4.16
C PHE A 215 9.56 16.19 -4.18
C1 GOL B . -3.78 -9.11 -7.65
O1 GOL B . -2.97 -9.05 -6.62
C2 GOL B . -3.18 -8.28 -8.80
O2 GOL B . -3.91 -8.64 -9.99
C3 GOL B . -3.31 -6.77 -8.38
O3 GOL B . -4.73 -6.48 -8.33
P1 A3P C . -2.70 14.50 -0.60
O1P A3P C . -2.48 13.19 -1.44
O2P A3P C . -1.48 15.49 -0.53
O3P A3P C . -3.92 15.27 -0.98
P2 A3P C . 0.16 8.59 1.06
O4P A3P C . 0.95 8.62 2.45
O5P A3P C . 1.03 9.14 -0.01
O6P A3P C . -0.47 7.25 0.71
O5' A3P C . -1.09 9.61 1.20
C5' A3P C . -0.76 10.97 1.45
C4' A3P C . -2.11 11.73 1.45
O4' A3P C . -2.90 11.37 2.61
C3' A3P C . -1.91 13.25 1.54
O3' A3P C . -3.01 13.96 0.91
C2' A3P C . -2.06 13.51 3.04
O2' A3P C . -2.42 14.84 3.37
C1' A3P C . -3.21 12.54 3.34
N9 A3P C . -3.34 12.25 4.77
C8 A3P C . -2.37 11.63 5.54
N7 A3P C . -2.71 11.51 6.80
C5 A3P C . -3.95 12.12 6.88
C6 A3P C . -4.86 12.28 7.94
N6 A3P C . -4.59 11.90 9.20
N1 A3P C . -6.03 12.91 7.69
C2 A3P C . -6.29 13.29 6.42
N3 A3P C . -5.53 13.15 5.33
C4 A3P C . -4.36 12.54 5.62
C1 GOL D . 0.08 -20.38 2.69
O1 GOL D . 0.05 -19.83 4.00
C2 GOL D . -0.87 -19.65 1.77
O2 GOL D . -2.23 -19.99 2.06
C3 GOL D . -0.59 -19.89 0.29
O3 GOL D . 0.79 -19.70 -0.01
#